data_3K27
#
_entry.id   3K27
#
_cell.length_a   57.961
_cell.length_b   85.330
_cell.length_c   91.198
_cell.angle_alpha   90.00
_cell.angle_beta   90.00
_cell.angle_gamma   90.00
#
_symmetry.space_group_name_H-M   'P 21 21 21'
#
loop_
_entity.id
_entity.type
_entity.pdbx_description
1 polymer 'Polycomb protein EED'
2 polymer 'HISTONE PEPTIDE'
3 water water
#
loop_
_entity_poly.entity_id
_entity_poly.type
_entity_poly.pdbx_seq_one_letter_code
_entity_poly.pdbx_strand_id
1 'polypeptide(L)'
;KKCKYSFKCVNSLKEDHNQPLFGVQFNWHSKEGDPLVFATVGSNRVTLYECHSQGEIRLLQSYVDADADENFYTCAWTYD
SNTSHPLLAVAGSRGIIRIINPITMQCIKHYVGHGNAINELKFHPRDPNLLLSVSKDHALRLWNIQTDTLVAIFGGVEGH
RDEVLSADYDLLGEKIMSCGMDHSLKLWRINSKRMMNAIKESYDYNPNKTNRPFISQKIHFPDFSTRDIHRNYVDCVRWL
GDLILSKSCENAIVCWKPGKMEDDIDKIKPSESNVTILGRFDYSQCDIWYMRFSMDFWQKMLALGNQVGKLYVWDLEVED
PHKAKCTTLTHHKCGAAIRQTSFSRDSSILIAVCDDASIWRWDRLR
;
A
2 'polypeptide(L)' KQTAR(M3L)STG B
#
# COMPACT_ATOMS: atom_id res chain seq x y z
N TYR A 5 5.17 16.43 -16.28
CA TYR A 5 3.84 16.28 -15.52
C TYR A 5 3.53 17.46 -14.58
N SER A 6 2.52 18.25 -14.98
CA SER A 6 2.06 19.48 -14.27
C SER A 6 0.51 19.45 -13.93
N PHE A 7 0.11 20.03 -12.80
CA PHE A 7 -1.22 19.77 -12.18
C PHE A 7 -1.69 21.06 -11.63
N LYS A 8 -3.00 21.23 -11.52
CA LYS A 8 -3.43 22.39 -10.77
C LYS A 8 -4.51 22.03 -9.79
N CYS A 9 -4.61 22.78 -8.69
CA CYS A 9 -5.53 22.34 -7.63
C CYS A 9 -6.94 22.79 -8.02
N VAL A 10 -7.93 21.87 -8.11
CA VAL A 10 -9.26 22.23 -8.67
C VAL A 10 -10.33 22.18 -7.62
N ASN A 11 -10.09 21.54 -6.47
CA ASN A 11 -11.10 21.45 -5.42
C ASN A 11 -10.51 20.88 -4.20
N SER A 12 -11.19 21.05 -3.12
CA SER A 12 -10.88 20.30 -1.95
C SER A 12 -12.18 20.16 -1.07
N LEU A 13 -12.15 19.28 -0.07
CA LEU A 13 -13.26 19.19 0.88
C LEU A 13 -12.76 18.59 2.19
N LYS A 14 -13.60 18.55 3.21
CA LYS A 14 -13.18 17.95 4.47
C LYS A 14 -14.28 17.00 4.97
N GLU A 15 -13.93 15.81 5.49
CA GLU A 15 -14.94 14.90 5.99
C GLU A 15 -15.34 15.33 7.40
N ASP A 16 -16.53 14.91 7.79
CA ASP A 16 -17.19 15.48 9.01
C ASP A 16 -16.59 14.98 10.32
N HIS A 17 -15.81 13.91 10.30
CA HIS A 17 -15.25 13.30 11.47
C HIS A 17 -14.04 14.06 12.04
N ASN A 18 -13.39 14.90 11.22
CA ASN A 18 -12.17 15.60 11.64
C ASN A 18 -10.99 14.78 12.13
N GLN A 19 -10.92 13.50 11.76
CA GLN A 19 -9.80 12.66 12.14
C GLN A 19 -8.91 12.45 10.89
N PRO A 20 -7.67 11.98 11.07
CA PRO A 20 -6.80 11.82 9.92
C PRO A 20 -7.42 10.89 8.87
N LEU A 21 -7.27 11.27 7.61
CA LEU A 21 -7.46 10.31 6.53
C LEU A 21 -6.11 9.66 6.27
N PHE A 22 -5.97 8.36 6.60
CA PHE A 22 -4.68 7.68 6.50
C PHE A 22 -4.51 7.06 5.11
N GLY A 23 -5.58 6.89 4.34
CA GLY A 23 -5.39 6.13 3.09
C GLY A 23 -6.29 6.74 1.99
N VAL A 24 -5.78 6.75 0.75
CA VAL A 24 -6.66 7.10 -0.40
C VAL A 24 -6.28 6.16 -1.57
N GLN A 25 -7.26 5.59 -2.31
CA GLN A 25 -7.00 4.74 -3.48
C GLN A 25 -8.06 5.01 -4.56
N PHE A 26 -7.60 5.39 -5.79
CA PHE A 26 -8.53 5.28 -6.93
C PHE A 26 -8.81 3.83 -7.25
N ASN A 27 -9.98 3.55 -7.80
CA ASN A 27 -10.28 2.24 -8.30
C ASN A 27 -9.71 2.11 -9.73
N TRP A 28 -8.61 1.40 -9.87
CA TRP A 28 -8.09 1.23 -11.23
C TRP A 28 -8.78 0.10 -12.02
N HIS A 29 -9.72 -0.54 -11.42
CA HIS A 29 -10.57 -1.55 -12.12
C HIS A 29 -11.94 -0.94 -12.47
N SER A 30 -12.03 0.40 -12.52
CA SER A 30 -13.22 1.12 -13.01
C SER A 30 -13.56 0.63 -14.41
N LYS A 31 -14.85 0.54 -14.73
CA LYS A 31 -15.31 0.10 -16.09
C LYS A 31 -15.24 1.26 -17.10
N GLU A 32 -14.93 0.96 -18.36
CA GLU A 32 -14.80 2.01 -19.41
C GLU A 32 -16.04 2.85 -19.46
N GLY A 33 -15.87 4.16 -19.58
CA GLY A 33 -17.05 4.98 -19.71
C GLY A 33 -17.58 5.35 -18.33
N ASP A 34 -17.28 4.60 -17.26
CA ASP A 34 -17.77 5.04 -15.93
C ASP A 34 -16.87 6.12 -15.34
N PRO A 35 -17.43 6.96 -14.46
CA PRO A 35 -16.56 8.02 -13.93
C PRO A 35 -15.44 7.46 -13.00
N LEU A 36 -14.42 8.26 -12.75
CA LEU A 36 -13.31 7.83 -11.89
C LEU A 36 -13.75 7.91 -10.44
N VAL A 37 -13.42 6.88 -9.64
CA VAL A 37 -13.94 6.83 -8.23
C VAL A 37 -12.74 6.55 -7.35
N PHE A 38 -12.69 7.17 -6.16
CA PHE A 38 -11.65 6.83 -5.23
C PHE A 38 -12.30 6.60 -3.86
N ALA A 39 -11.54 5.87 -3.04
CA ALA A 39 -11.93 5.63 -1.66
C ALA A 39 -10.98 6.33 -0.68
N THR A 40 -11.51 6.81 0.44
CA THR A 40 -10.66 7.40 1.53
C THR A 40 -10.94 6.56 2.75
N VAL A 41 -9.96 6.44 3.67
CA VAL A 41 -10.22 5.68 4.91
C VAL A 41 -9.69 6.56 6.04
N GLY A 42 -10.43 6.59 7.14
CA GLY A 42 -10.07 7.40 8.30
C GLY A 42 -11.22 7.33 9.28
N SER A 43 -10.91 7.69 10.52
CA SER A 43 -11.86 7.41 11.62
C SER A 43 -12.23 5.93 11.48
N ASN A 44 -13.50 5.58 11.73
CA ASN A 44 -13.95 4.21 11.56
C ASN A 44 -14.74 4.03 10.27
N ARG A 45 -14.32 4.70 9.19
CA ARG A 45 -15.13 4.57 7.94
C ARG A 45 -14.31 4.52 6.66
N VAL A 46 -14.95 4.09 5.56
CA VAL A 46 -14.34 4.22 4.25
C VAL A 46 -15.42 4.96 3.48
N THR A 47 -15.03 5.90 2.63
CA THR A 47 -16.02 6.64 1.88
C THR A 47 -15.61 6.63 0.39
N LEU A 48 -16.61 6.53 -0.50
CA LEU A 48 -16.29 6.65 -1.91
C LEU A 48 -16.76 7.99 -2.50
N TYR A 49 -15.98 8.49 -3.44
CA TYR A 49 -16.33 9.73 -4.23
C TYR A 49 -16.12 9.49 -5.69
N GLU A 50 -16.88 10.25 -6.50
CA GLU A 50 -16.72 10.21 -7.92
C GLU A 50 -16.21 11.55 -8.42
N CYS A 51 -15.23 11.52 -9.32
CA CYS A 51 -14.62 12.77 -9.92
C CYS A 51 -15.40 13.18 -11.15
N HIS A 52 -15.87 14.44 -11.12
CA HIS A 52 -16.59 15.00 -12.24
C HIS A 52 -15.94 16.26 -12.74
N SER A 53 -16.52 16.80 -13.84
CA SER A 53 -15.96 17.99 -14.42
C SER A 53 -16.04 19.19 -13.47
N GLN A 54 -15.32 20.24 -13.80
CA GLN A 54 -15.17 21.42 -12.96
C GLN A 54 -14.74 21.14 -11.56
N GLY A 55 -13.86 20.17 -11.41
CA GLY A 55 -13.28 19.85 -10.11
C GLY A 55 -14.28 19.17 -9.18
N GLU A 56 -15.50 18.88 -9.65
CA GLU A 56 -16.47 18.36 -8.66
C GLU A 56 -16.02 17.02 -8.06
N ILE A 57 -16.11 16.88 -6.72
CA ILE A 57 -15.82 15.57 -6.09
C ILE A 57 -17.16 15.14 -5.46
N ARG A 58 -17.85 14.21 -6.10
CA ARG A 58 -19.24 13.88 -5.72
C ARG A 58 -19.26 12.78 -4.65
N LEU A 59 -19.85 13.09 -3.51
CA LEU A 59 -19.91 12.14 -2.37
C LEU A 59 -20.92 11.04 -2.63
N LEU A 60 -20.49 9.78 -2.49
CA LEU A 60 -21.45 8.67 -2.76
C LEU A 60 -21.96 8.08 -1.45
N GLN A 61 -21.23 7.10 -0.90
CA GLN A 61 -21.71 6.46 0.36
C GLN A 61 -20.50 5.90 1.13
N SER A 62 -20.67 5.80 2.44
CA SER A 62 -19.67 5.18 3.31
C SER A 62 -20.07 3.86 3.86
N TYR A 63 -19.03 3.12 4.28
CA TYR A 63 -19.20 2.04 5.22
C TYR A 63 -18.63 2.51 6.58
N VAL A 64 -19.43 2.39 7.66
CA VAL A 64 -18.99 2.82 9.01
C VAL A 64 -18.96 1.57 9.87
N ASP A 65 -17.82 1.30 10.52
CA ASP A 65 -17.72 0.09 11.30
C ASP A 65 -18.70 0.14 12.49
N ALA A 66 -19.20 -1.02 12.89
CA ALA A 66 -20.01 -1.09 14.12
C ALA A 66 -19.26 -0.67 15.38
N ASP A 67 -17.94 -0.85 15.43
CA ASP A 67 -17.14 -0.41 16.58
C ASP A 67 -16.70 1.06 16.45
N ALA A 68 -17.13 1.92 17.37
CA ALA A 68 -16.77 3.35 17.28
C ALA A 68 -15.26 3.54 17.45
N ASP A 69 -14.59 2.51 17.98
CA ASP A 69 -13.17 2.52 18.30
C ASP A 69 -12.27 1.93 17.19
N GLU A 70 -12.88 1.33 16.19
CA GLU A 70 -12.09 0.90 14.99
C GLU A 70 -11.49 2.16 14.38
N ASN A 71 -10.33 2.04 13.76
N ASN A 71 -10.29 2.03 13.84
CA ASN A 71 -9.79 3.13 13.00
CA ASN A 71 -9.64 3.07 13.06
C ASN A 71 -9.16 2.51 11.77
C ASN A 71 -9.14 2.44 11.76
N PHE A 72 -9.78 2.73 10.62
CA PHE A 72 -9.29 2.13 9.37
C PHE A 72 -8.02 2.91 8.94
N TYR A 73 -7.00 2.16 8.55
CA TYR A 73 -5.75 2.79 8.15
C TYR A 73 -5.50 2.67 6.64
N THR A 74 -6.02 1.60 6.03
CA THR A 74 -5.54 1.24 4.71
C THR A 74 -6.69 0.66 3.91
N CYS A 75 -6.65 0.84 2.59
CA CYS A 75 -7.59 0.09 1.76
C CYS A 75 -6.94 -0.28 0.40
N ALA A 76 -7.54 -1.21 -0.30
CA ALA A 76 -6.99 -1.68 -1.62
C ALA A 76 -8.14 -2.19 -2.47
N TRP A 77 -8.07 -1.97 -3.81
CA TRP A 77 -9.14 -2.45 -4.66
C TRP A 77 -8.75 -3.74 -5.37
N THR A 78 -9.76 -4.55 -5.61
CA THR A 78 -9.61 -5.67 -6.50
C THR A 78 -10.94 -5.85 -7.24
N TYR A 79 -11.13 -6.97 -7.88
CA TYR A 79 -12.46 -7.34 -8.41
C TYR A 79 -12.84 -8.78 -8.13
N ASP A 80 -14.12 -9.11 -8.20
CA ASP A 80 -14.56 -10.51 -8.03
C ASP A 80 -14.09 -11.23 -9.26
N SER A 81 -13.40 -12.36 -9.15
CA SER A 81 -12.80 -12.94 -10.37
C SER A 81 -13.82 -13.66 -11.26
N ASN A 82 -14.99 -13.99 -10.70
CA ASN A 82 -16.13 -14.49 -11.48
C ASN A 82 -17.03 -13.47 -12.13
N THR A 83 -17.34 -12.38 -11.45
CA THR A 83 -18.32 -11.45 -11.97
C THR A 83 -17.71 -10.16 -12.53
N SER A 84 -16.43 -9.88 -12.31
CA SER A 84 -15.77 -8.62 -12.65
C SER A 84 -16.10 -7.43 -11.79
N HIS A 85 -17.08 -7.56 -10.89
CA HIS A 85 -17.43 -6.38 -10.10
C HIS A 85 -16.30 -6.01 -9.18
N PRO A 86 -16.00 -4.71 -9.08
CA PRO A 86 -14.96 -4.29 -8.14
C PRO A 86 -15.28 -4.63 -6.68
N LEU A 87 -14.22 -4.79 -5.86
CA LEU A 87 -14.41 -5.11 -4.43
C LEU A 87 -13.37 -4.17 -3.79
N LEU A 88 -13.63 -3.78 -2.52
CA LEU A 88 -12.70 -2.92 -1.77
C LEU A 88 -12.40 -3.60 -0.46
N ALA A 89 -11.12 -3.86 -0.17
CA ALA A 89 -10.68 -4.39 1.11
C ALA A 89 -10.28 -3.21 2.02
N VAL A 90 -10.60 -3.24 3.33
CA VAL A 90 -10.16 -2.16 4.20
C VAL A 90 -9.71 -2.83 5.54
N ALA A 91 -8.83 -2.17 6.27
CA ALA A 91 -8.39 -2.76 7.57
C ALA A 91 -7.76 -1.67 8.39
N GLY A 92 -7.55 -1.94 9.68
CA GLY A 92 -6.82 -0.96 10.47
C GLY A 92 -6.61 -1.49 11.89
N SER A 93 -6.92 -0.67 12.88
CA SER A 93 -6.43 -0.94 14.31
C SER A 93 -7.00 -2.23 14.85
N ARG A 94 -8.23 -2.59 14.46
CA ARG A 94 -8.81 -3.83 15.04
C ARG A 94 -8.20 -5.12 14.45
N GLY A 95 -7.47 -5.00 13.37
CA GLY A 95 -6.82 -6.16 12.77
C GLY A 95 -7.81 -7.05 12.07
N ILE A 96 -8.91 -6.49 11.56
CA ILE A 96 -9.89 -7.22 10.85
C ILE A 96 -9.93 -6.68 9.41
N ILE A 97 -9.81 -7.60 8.46
CA ILE A 97 -9.88 -7.20 7.02
C ILE A 97 -11.34 -7.29 6.62
N ARG A 98 -11.90 -6.18 6.10
CA ARG A 98 -13.23 -6.27 5.60
C ARG A 98 -13.24 -6.23 4.07
N ILE A 99 -14.07 -7.04 3.42
CA ILE A 99 -14.22 -7.04 1.95
C ILE A 99 -15.55 -6.38 1.74
N ILE A 100 -15.53 -5.20 1.10
CA ILE A 100 -16.76 -4.33 1.00
C ILE A 100 -17.23 -4.33 -0.46
N ASN A 101 -18.53 -4.50 -0.68
CA ASN A 101 -19.17 -4.27 -2.00
C ASN A 101 -19.32 -2.76 -2.19
N PRO A 102 -18.56 -2.17 -3.11
CA PRO A 102 -18.50 -0.70 -3.14
C PRO A 102 -19.79 -0.13 -3.68
N ILE A 103 -20.62 -0.95 -4.35
CA ILE A 103 -21.91 -0.41 -4.85
C ILE A 103 -22.84 -0.08 -3.69
N THR A 104 -23.03 -1.04 -2.79
CA THR A 104 -24.00 -0.90 -1.67
C THR A 104 -23.29 -0.59 -0.39
N MET A 105 -21.94 -0.73 -0.37
CA MET A 105 -21.15 -0.56 0.84
C MET A 105 -21.44 -1.64 1.87
N GLN A 106 -21.95 -2.77 1.45
CA GLN A 106 -22.10 -3.91 2.40
C GLN A 106 -20.81 -4.58 2.65
N CYS A 107 -20.61 -5.08 3.87
CA CYS A 107 -19.39 -5.83 4.12
C CYS A 107 -19.76 -7.31 3.80
N ILE A 108 -19.19 -7.82 2.74
CA ILE A 108 -19.56 -9.13 2.23
C ILE A 108 -19.00 -10.20 3.15
N LYS A 109 -17.78 -9.99 3.62
CA LYS A 109 -17.13 -10.95 4.53
C LYS A 109 -15.93 -10.33 5.21
N HIS A 110 -15.43 -10.97 6.30
CA HIS A 110 -14.24 -10.43 6.87
C HIS A 110 -13.28 -11.50 7.32
N TYR A 111 -12.06 -11.10 7.64
CA TYR A 111 -11.00 -12.09 7.98
C TYR A 111 -10.30 -11.64 9.26
N VAL A 112 -10.01 -12.57 10.17
CA VAL A 112 -9.26 -12.18 11.36
C VAL A 112 -8.03 -13.05 11.44
N GLY A 113 -6.94 -12.54 11.96
CA GLY A 113 -5.85 -13.46 12.17
C GLY A 113 -4.86 -12.73 12.95
N HIS A 114 -4.51 -11.53 12.42
CA HIS A 114 -3.45 -10.69 12.98
C HIS A 114 -3.86 -10.45 14.43
N GLY A 115 -5.22 -10.48 14.71
CA GLY A 115 -5.98 -9.78 15.81
C GLY A 115 -5.50 -8.35 16.11
N ASN A 116 -4.32 -8.04 15.57
CA ASN A 116 -3.43 -6.92 15.89
C ASN A 116 -3.43 -5.95 14.72
N ALA A 117 -3.09 -4.65 14.91
CA ALA A 117 -3.44 -3.63 13.83
C ALA A 117 -2.85 -4.01 12.49
N ILE A 118 -3.60 -3.77 11.41
CA ILE A 118 -3.10 -3.96 10.05
C ILE A 118 -2.69 -2.60 9.46
N ASN A 119 -1.42 -2.52 8.97
CA ASN A 119 -0.85 -1.25 8.57
C ASN A 119 -0.92 -1.09 7.06
N GLU A 120 -1.07 -2.20 6.35
CA GLU A 120 -1.20 -2.05 4.84
C GLU A 120 -1.78 -3.29 4.22
N LEU A 121 -2.51 -3.10 3.11
CA LEU A 121 -3.08 -4.19 2.33
C LEU A 121 -2.66 -3.95 0.87
N LYS A 122 -2.34 -5.04 0.16
CA LYS A 122 -1.92 -4.96 -1.29
C LYS A 122 -2.48 -6.22 -1.97
N PHE A 123 -3.07 -6.05 -3.12
CA PHE A 123 -3.47 -7.20 -3.93
C PHE A 123 -2.38 -7.56 -4.94
N HIS A 124 -2.29 -8.84 -5.25
CA HIS A 124 -1.25 -9.35 -6.12
C HIS A 124 -1.55 -8.79 -7.55
N PRO A 125 -0.50 -8.52 -8.31
CA PRO A 125 -0.73 -7.80 -9.62
C PRO A 125 -1.33 -8.69 -10.71
N ARG A 126 -1.30 -10.00 -10.57
CA ARG A 126 -1.89 -10.88 -11.63
C ARG A 126 -3.11 -11.65 -11.12
N ASP A 127 -3.24 -11.79 -9.80
CA ASP A 127 -4.35 -12.63 -9.30
C ASP A 127 -5.15 -11.81 -8.33
N PRO A 128 -6.37 -11.45 -8.72
CA PRO A 128 -7.14 -10.53 -7.92
C PRO A 128 -7.60 -11.12 -6.57
N ASN A 129 -7.44 -12.41 -6.38
CA ASN A 129 -7.84 -13.04 -5.08
C ASN A 129 -6.76 -13.06 -4.03
N LEU A 130 -5.51 -12.71 -4.38
CA LEU A 130 -4.40 -12.84 -3.42
C LEU A 130 -4.10 -11.53 -2.72
N LEU A 131 -4.45 -11.52 -1.46
CA LEU A 131 -4.33 -10.28 -0.69
C LEU A 131 -3.28 -10.42 0.38
N LEU A 132 -2.38 -9.43 0.43
CA LEU A 132 -1.25 -9.43 1.42
C LEU A 132 -1.64 -8.40 2.48
N SER A 133 -1.54 -8.77 3.77
CA SER A 133 -1.79 -7.80 4.84
C SER A 133 -0.49 -7.68 5.68
N VAL A 134 -0.13 -6.52 6.19
CA VAL A 134 1.10 -6.44 6.98
C VAL A 134 0.68 -5.83 8.31
N SER A 135 1.27 -6.32 9.39
CA SER A 135 0.67 -6.07 10.71
C SER A 135 1.65 -5.56 11.79
N LYS A 136 1.08 -4.86 12.74
CA LYS A 136 1.75 -4.46 13.95
C LYS A 136 2.22 -5.67 14.76
N ASP A 137 1.72 -6.85 14.47
CA ASP A 137 2.24 -8.07 15.20
C ASP A 137 3.51 -8.63 14.59
N HIS A 138 4.12 -7.92 13.67
CA HIS A 138 5.40 -8.24 13.08
C HIS A 138 5.36 -9.18 11.87
N ALA A 139 4.19 -9.66 11.48
CA ALA A 139 4.10 -10.63 10.38
C ALA A 139 3.41 -10.03 9.15
N LEU A 140 3.60 -10.69 7.99
CA LEU A 140 2.75 -10.44 6.80
C LEU A 140 1.87 -11.68 6.69
N ARG A 141 0.68 -11.53 6.10
CA ARG A 141 -0.08 -12.75 5.77
C ARG A 141 -0.64 -12.63 4.37
N LEU A 142 -0.74 -13.78 3.71
CA LEU A 142 -1.24 -13.86 2.34
C LEU A 142 -2.53 -14.63 2.43
N TRP A 143 -3.60 -14.01 1.93
CA TRP A 143 -4.92 -14.65 2.01
C TRP A 143 -5.43 -14.89 0.56
N ASN A 144 -6.22 -15.94 0.41
CA ASN A 144 -6.93 -16.17 -0.87
C ASN A 144 -8.38 -15.78 -0.60
N ILE A 145 -8.85 -14.66 -1.20
CA ILE A 145 -10.22 -14.23 -0.88
C ILE A 145 -11.32 -14.87 -1.81
N GLN A 146 -10.90 -15.85 -2.61
CA GLN A 146 -11.93 -16.64 -3.35
C GLN A 146 -12.35 -17.81 -2.46
N THR A 147 -11.38 -18.58 -1.97
CA THR A 147 -11.69 -19.68 -1.00
C THR A 147 -11.64 -19.40 0.49
N ASP A 148 -11.37 -18.14 0.85
CA ASP A 148 -11.35 -17.63 2.21
C ASP A 148 -10.29 -18.35 3.04
N THR A 149 -9.11 -18.55 2.46
CA THR A 149 -8.04 -19.26 3.15
C THR A 149 -6.84 -18.35 3.46
N LEU A 150 -6.19 -18.61 4.63
CA LEU A 150 -4.90 -18.04 4.91
C LEU A 150 -3.85 -18.93 4.28
N VAL A 151 -3.21 -18.43 3.26
CA VAL A 151 -2.25 -19.24 2.51
C VAL A 151 -0.90 -19.39 3.23
N ALA A 152 -0.43 -18.29 3.77
CA ALA A 152 0.88 -18.22 4.41
C ALA A 152 1.04 -17.06 5.38
N ILE A 153 1.82 -17.30 6.47
CA ILE A 153 2.27 -16.26 7.35
C ILE A 153 3.77 -16.08 7.17
N PHE A 154 4.20 -14.81 7.05
CA PHE A 154 5.67 -14.55 6.93
C PHE A 154 6.17 -13.86 8.16
N GLY A 155 6.99 -14.57 8.97
CA GLY A 155 7.26 -14.09 10.30
C GLY A 155 8.48 -14.81 10.87
N GLY A 156 8.41 -15.20 12.11
CA GLY A 156 9.52 -15.90 12.79
C GLY A 156 10.60 -14.94 13.33
N VAL A 157 11.58 -15.44 14.05
CA VAL A 157 12.57 -14.44 14.56
C VAL A 157 13.46 -13.87 13.52
N GLU A 158 13.63 -14.57 12.38
CA GLU A 158 14.39 -14.02 11.25
C GLU A 158 13.51 -13.08 10.34
N GLY A 159 12.22 -13.00 10.66
CA GLY A 159 11.26 -12.05 10.01
C GLY A 159 11.44 -10.72 10.69
N HIS A 160 10.46 -9.82 10.50
CA HIS A 160 10.56 -8.56 11.17
C HIS A 160 10.45 -8.72 12.69
N ARG A 161 11.10 -7.77 13.37
CA ARG A 161 11.18 -7.81 14.86
C ARG A 161 10.42 -6.65 15.45
N ASP A 162 9.65 -5.94 14.59
CA ASP A 162 8.79 -4.88 15.10
C ASP A 162 7.70 -4.71 14.00
N GLU A 163 6.78 -3.79 14.21
CA GLU A 163 5.65 -3.63 13.25
C GLU A 163 6.09 -3.61 11.80
N VAL A 164 5.36 -4.36 10.96
CA VAL A 164 5.58 -4.21 9.52
C VAL A 164 4.69 -3.02 9.09
N LEU A 165 5.24 -2.09 8.26
CA LEU A 165 4.51 -0.84 7.96
C LEU A 165 4.10 -0.83 6.49
N SER A 166 4.82 -1.55 5.63
CA SER A 166 4.42 -1.55 4.19
C SER A 166 4.92 -2.79 3.49
N ALA A 167 4.41 -3.13 2.28
CA ALA A 167 5.03 -4.22 1.51
C ALA A 167 4.55 -3.98 0.09
N ASP A 168 5.23 -4.59 -0.84
CA ASP A 168 4.81 -4.45 -2.27
C ASP A 168 5.16 -5.74 -3.00
N TYR A 169 4.31 -6.18 -3.91
CA TYR A 169 4.64 -7.28 -4.79
C TYR A 169 5.48 -6.73 -5.94
N ASP A 170 6.36 -7.53 -6.50
CA ASP A 170 7.01 -7.08 -7.74
C ASP A 170 6.02 -7.14 -8.96
N LEU A 171 6.50 -6.83 -10.17
CA LEU A 171 5.60 -6.71 -11.35
C LEU A 171 4.77 -7.95 -11.60
N LEU A 172 5.43 -9.12 -11.56
CA LEU A 172 4.67 -10.37 -11.84
C LEU A 172 4.14 -11.07 -10.61
N GLY A 173 4.35 -10.49 -9.47
CA GLY A 173 3.85 -11.13 -8.21
C GLY A 173 4.65 -12.39 -7.83
N GLU A 174 5.91 -12.38 -8.19
CA GLU A 174 6.80 -13.45 -7.84
C GLU A 174 7.46 -13.26 -6.46
N LYS A 175 7.54 -12.04 -5.96
CA LYS A 175 8.25 -11.85 -4.72
C LYS A 175 7.68 -10.58 -4.08
N ILE A 176 7.80 -10.49 -2.77
CA ILE A 176 7.30 -9.30 -1.99
C ILE A 176 8.51 -8.64 -1.35
N MET A 177 8.56 -7.29 -1.31
CA MET A 177 9.52 -6.67 -0.37
C MET A 177 8.69 -6.05 0.72
N SER A 178 9.07 -6.23 2.01
CA SER A 178 8.32 -5.66 3.11
C SER A 178 9.28 -4.73 3.92
N CYS A 179 8.76 -3.89 4.76
CA CYS A 179 9.64 -3.02 5.56
C CYS A 179 8.92 -2.58 6.84
N GLY A 180 9.67 -2.19 7.86
CA GLY A 180 8.93 -1.70 9.02
C GLY A 180 9.78 -1.01 10.12
N MET A 181 9.30 -1.10 11.35
CA MET A 181 9.86 -0.30 12.40
C MET A 181 11.18 -0.87 12.86
N ASP A 182 11.56 -2.06 12.44
CA ASP A 182 12.90 -2.59 12.79
C ASP A 182 14.00 -2.02 11.88
N HIS A 183 13.59 -1.06 11.02
CA HIS A 183 14.47 -0.39 10.06
C HIS A 183 14.87 -1.26 8.93
N SER A 184 14.31 -2.48 8.81
CA SER A 184 14.83 -3.37 7.77
C SER A 184 13.84 -3.52 6.56
N LEU A 185 14.39 -3.92 5.40
CA LEU A 185 13.61 -4.27 4.19
C LEU A 185 13.96 -5.74 3.98
N LYS A 186 12.93 -6.57 3.84
CA LYS A 186 13.04 -8.03 3.65
C LYS A 186 12.32 -8.53 2.39
N LEU A 187 12.94 -9.49 1.70
CA LEU A 187 12.36 -9.97 0.45
C LEU A 187 11.78 -11.34 0.77
N TRP A 188 10.60 -11.64 0.23
CA TRP A 188 10.03 -12.97 0.44
C TRP A 188 9.64 -13.43 -0.92
N ARG A 189 10.24 -14.53 -1.43
CA ARG A 189 9.87 -15.03 -2.74
C ARG A 189 8.63 -15.91 -2.58
N ILE A 190 7.64 -15.71 -3.47
CA ILE A 190 6.41 -16.50 -3.48
C ILE A 190 6.24 -17.33 -4.74
N ASN A 191 7.32 -17.46 -5.47
CA ASN A 191 7.32 -18.32 -6.67
C ASN A 191 8.18 -19.56 -6.36
N SER A 192 8.45 -19.81 -5.07
CA SER A 192 9.12 -21.10 -4.71
C SER A 192 8.17 -22.25 -5.00
N LYS A 193 8.69 -23.48 -5.05
CA LYS A 193 7.81 -24.64 -5.23
C LYS A 193 6.83 -24.76 -4.13
N ARG A 194 7.30 -24.57 -2.88
CA ARG A 194 6.44 -24.67 -1.72
C ARG A 194 5.30 -23.61 -1.82
N MET A 195 5.61 -22.36 -2.17
CA MET A 195 4.56 -21.35 -2.20
C MET A 195 3.66 -21.48 -3.41
N MET A 196 4.16 -21.86 -4.59
CA MET A 196 3.22 -22.03 -5.73
C MET A 196 2.25 -23.19 -5.42
N ASN A 197 2.74 -24.18 -4.68
CA ASN A 197 1.93 -25.36 -4.40
C ASN A 197 0.89 -24.92 -3.37
N ALA A 198 1.32 -24.08 -2.39
CA ALA A 198 0.39 -23.67 -1.28
C ALA A 198 -0.70 -22.85 -1.92
N ILE A 199 -0.33 -22.01 -2.89
CA ILE A 199 -1.40 -21.26 -3.62
C ILE A 199 -2.39 -22.14 -4.39
N LYS A 200 -1.85 -23.15 -5.08
CA LYS A 200 -2.71 -24.03 -5.84
C LYS A 200 -3.63 -24.83 -4.87
N GLU A 201 -3.05 -25.25 -3.76
CA GLU A 201 -3.91 -25.99 -2.83
C GLU A 201 -4.96 -25.07 -2.22
N SER A 202 -4.61 -23.77 -2.00
CA SER A 202 -5.64 -22.84 -1.49
C SER A 202 -6.86 -22.76 -2.40
N TYR A 203 -6.63 -22.85 -3.71
CA TYR A 203 -7.75 -22.83 -4.67
C TYR A 203 -8.55 -24.12 -4.65
N ASP A 204 -7.87 -25.20 -4.24
N ASP A 204 -7.90 -25.21 -4.25
CA ASP A 204 -8.48 -26.53 -4.17
CA ASP A 204 -8.60 -26.52 -4.20
C ASP A 204 -9.26 -26.78 -2.87
C ASP A 204 -9.43 -26.71 -2.94
N TYR A 205 -9.26 -25.82 -1.94
CA TYR A 205 -9.90 -26.01 -0.62
C TYR A 205 -11.31 -25.58 -0.58
N ASN A 206 -12.17 -26.50 -0.22
CA ASN A 206 -13.58 -26.15 0.01
C ASN A 206 -14.02 -26.90 1.27
N PRO A 207 -14.23 -26.19 2.37
CA PRO A 207 -14.44 -26.78 3.68
C PRO A 207 -15.75 -27.60 3.65
N ASN A 208 -16.65 -27.36 2.70
CA ASN A 208 -17.88 -28.23 2.59
C ASN A 208 -17.63 -29.59 2.01
N LYS A 209 -16.47 -29.74 1.38
CA LYS A 209 -16.22 -31.02 0.72
C LYS A 209 -15.09 -31.81 1.38
N THR A 210 -14.61 -31.36 2.53
CA THR A 210 -13.48 -32.09 3.12
C THR A 210 -13.59 -31.99 4.61
N ASN A 211 -12.80 -32.77 5.30
CA ASN A 211 -12.74 -32.62 6.79
C ASN A 211 -11.60 -31.77 7.39
N ARG A 212 -10.57 -31.56 6.61
CA ARG A 212 -9.37 -31.02 7.14
C ARG A 212 -9.54 -29.49 7.20
N PRO A 213 -8.83 -28.84 8.11
CA PRO A 213 -8.69 -27.38 8.09
C PRO A 213 -7.65 -27.07 6.98
N PHE A 214 -7.63 -25.86 6.45
CA PHE A 214 -6.61 -25.54 5.49
C PHE A 214 -5.28 -25.20 6.21
N ILE A 215 -4.17 -25.81 5.84
CA ILE A 215 -2.93 -25.62 6.61
C ILE A 215 -2.19 -24.42 5.98
N SER A 216 -1.86 -23.40 6.77
CA SER A 216 -1.05 -22.29 6.18
C SER A 216 0.43 -22.56 6.22
N GLN A 217 1.16 -22.02 5.21
CA GLN A 217 2.65 -22.08 5.30
C GLN A 217 3.18 -21.13 6.39
N LYS A 218 4.14 -21.59 7.21
CA LYS A 218 4.85 -20.67 8.12
C LYS A 218 6.19 -20.41 7.43
N ILE A 219 6.35 -19.18 6.93
CA ILE A 219 7.59 -18.80 6.20
C ILE A 219 8.41 -18.00 7.17
N HIS A 220 9.46 -18.60 7.70
CA HIS A 220 10.26 -17.93 8.77
C HIS A 220 11.60 -17.33 8.38
N PHE A 221 11.93 -17.28 7.10
CA PHE A 221 13.26 -16.88 6.64
C PHE A 221 13.06 -16.09 5.38
N PRO A 222 13.33 -14.79 5.45
CA PRO A 222 13.35 -14.04 4.17
C PRO A 222 14.48 -14.45 3.23
N ASP A 223 14.28 -14.14 1.96
CA ASP A 223 15.27 -14.46 0.93
C ASP A 223 16.33 -13.39 0.77
N PHE A 224 16.14 -12.26 1.46
CA PHE A 224 17.19 -11.22 1.54
C PHE A 224 16.73 -10.29 2.67
N SER A 225 17.64 -9.64 3.38
CA SER A 225 17.31 -8.63 4.39
C SER A 225 18.39 -7.61 4.47
N THR A 226 18.01 -6.36 4.66
CA THR A 226 18.99 -5.29 4.89
C THR A 226 18.46 -4.28 5.87
N ARG A 227 19.38 -3.69 6.67
CA ARG A 227 19.04 -2.52 7.51
C ARG A 227 20.02 -1.39 7.14
N ASP A 228 20.58 -1.43 5.91
CA ASP A 228 21.66 -0.51 5.60
CA ASP A 228 21.68 -0.58 5.50
C ASP A 228 21.13 0.57 4.68
N ILE A 229 19.82 0.64 4.49
CA ILE A 229 19.26 1.72 3.63
C ILE A 229 18.81 2.95 4.41
N HIS A 230 18.04 2.73 5.47
CA HIS A 230 17.53 3.86 6.28
C HIS A 230 18.01 3.65 7.72
N ARG A 231 17.87 4.67 8.57
CA ARG A 231 18.30 4.61 9.95
C ARG A 231 17.16 4.92 10.88
N ASN A 232 15.94 4.66 10.40
CA ASN A 232 14.72 4.84 11.23
C ASN A 232 13.59 4.01 10.63
N TYR A 233 12.37 4.16 11.13
CA TYR A 233 11.25 3.28 10.72
C TYR A 233 11.04 3.32 9.17
N VAL A 234 10.93 2.19 8.50
CA VAL A 234 10.79 2.23 7.00
C VAL A 234 9.29 2.07 6.73
N ASP A 235 8.66 3.11 6.19
CA ASP A 235 7.18 3.15 6.20
C ASP A 235 6.51 3.12 4.81
N CYS A 236 7.30 3.00 3.74
CA CYS A 236 6.68 2.79 2.41
C CYS A 236 7.75 2.20 1.50
N VAL A 237 7.39 1.20 0.70
CA VAL A 237 8.28 0.56 -0.24
C VAL A 237 7.54 0.25 -1.52
N ARG A 238 8.25 0.31 -2.64
CA ARG A 238 7.63 -0.06 -3.93
C ARG A 238 8.74 -0.61 -4.85
N TRP A 239 8.44 -1.66 -5.62
CA TRP A 239 9.40 -2.13 -6.62
C TRP A 239 9.34 -1.13 -7.79
N LEU A 240 10.47 -0.93 -8.42
CA LEU A 240 10.54 -0.21 -9.74
C LEU A 240 11.33 -1.13 -10.64
N GLY A 241 10.60 -2.07 -11.28
CA GLY A 241 11.26 -3.15 -12.02
C GLY A 241 12.01 -4.04 -11.03
N ASP A 242 13.34 -4.23 -11.19
CA ASP A 242 14.10 -4.99 -10.24
C ASP A 242 14.76 -4.10 -9.17
N LEU A 243 14.50 -2.78 -9.17
CA LEU A 243 15.05 -1.92 -8.11
C LEU A 243 13.91 -1.64 -7.08
N ILE A 244 14.28 -1.01 -5.99
CA ILE A 244 13.38 -0.72 -4.90
C ILE A 244 13.40 0.78 -4.68
N LEU A 245 12.21 1.34 -4.43
CA LEU A 245 12.12 2.69 -3.83
C LEU A 245 11.59 2.52 -2.43
N SER A 246 12.25 3.10 -1.42
CA SER A 246 11.71 3.01 -0.10
C SER A 246 12.02 4.30 0.66
N LYS A 247 11.17 4.59 1.64
CA LYS A 247 11.40 5.78 2.48
C LYS A 247 11.24 5.46 3.95
N SER A 248 11.91 6.30 4.75
CA SER A 248 11.78 6.33 6.19
C SER A 248 11.26 7.74 6.51
N CYS A 249 11.44 8.16 7.76
CA CYS A 249 11.02 9.52 8.18
C CYS A 249 12.24 10.43 8.25
N GLU A 250 13.10 10.29 7.25
CA GLU A 250 14.36 11.01 7.21
C GLU A 250 14.45 11.91 5.96
N ASN A 251 13.29 12.27 5.43
CA ASN A 251 13.20 13.27 4.31
C ASN A 251 13.92 12.75 3.05
N ALA A 252 13.79 11.42 2.75
CA ALA A 252 14.45 10.84 1.53
C ALA A 252 13.74 9.57 1.11
N ILE A 253 13.54 9.46 -0.19
CA ILE A 253 13.19 8.17 -0.88
C ILE A 253 14.52 7.69 -1.46
N VAL A 254 14.91 6.45 -1.11
CA VAL A 254 16.20 5.93 -1.61
C VAL A 254 15.83 4.92 -2.71
N CYS A 255 16.53 5.00 -3.85
CA CYS A 255 16.37 3.98 -4.88
C CYS A 255 17.56 3.06 -4.72
N TRP A 256 17.33 1.73 -4.54
CA TRP A 256 18.43 0.85 -4.27
C TRP A 256 18.16 -0.56 -4.80
N LYS A 257 19.17 -1.43 -4.74
CA LYS A 257 18.89 -2.85 -5.07
C LYS A 257 19.74 -3.74 -4.18
N PRO A 258 19.26 -4.99 -3.95
CA PRO A 258 20.11 -5.98 -3.25
C PRO A 258 21.35 -6.34 -4.04
N GLY A 259 22.44 -6.56 -3.34
CA GLY A 259 23.61 -7.03 -3.98
C GLY A 259 24.40 -5.90 -4.63
N LYS A 260 25.40 -6.30 -5.41
CA LYS A 260 26.24 -5.37 -6.08
C LYS A 260 25.65 -4.91 -7.40
N MET A 261 26.28 -3.91 -8.01
CA MET A 261 25.63 -3.26 -9.14
C MET A 261 25.17 -4.20 -10.22
N GLU A 262 25.98 -5.19 -10.51
CA GLU A 262 25.62 -6.11 -11.59
C GLU A 262 24.88 -7.38 -11.18
N ASP A 263 24.50 -7.51 -9.90
CA ASP A 263 23.88 -8.74 -9.44
C ASP A 263 22.38 -8.80 -9.87
N ASP A 264 22.00 -9.90 -10.52
CA ASP A 264 20.60 -10.11 -10.94
C ASP A 264 19.77 -10.39 -9.67
N ILE A 265 18.59 -9.73 -9.54
CA ILE A 265 17.74 -9.94 -8.35
C ILE A 265 17.34 -11.42 -8.14
N ASP A 266 17.23 -12.22 -9.20
CA ASP A 266 16.84 -13.64 -8.95
C ASP A 266 18.04 -14.56 -8.62
N LYS A 267 19.23 -14.00 -8.53
CA LYS A 267 20.37 -14.75 -8.10
C LYS A 267 20.86 -14.37 -6.72
N ILE A 268 20.19 -13.41 -6.08
CA ILE A 268 20.52 -12.96 -4.73
C ILE A 268 20.17 -14.12 -3.77
N LYS A 269 21.11 -14.42 -2.89
CA LYS A 269 20.90 -15.45 -1.86
C LYS A 269 20.63 -14.85 -0.52
N PRO A 270 20.08 -15.65 0.40
CA PRO A 270 19.62 -15.09 1.64
C PRO A 270 20.75 -14.49 2.44
N SER A 271 21.99 -14.96 2.26
CA SER A 271 23.07 -14.44 3.05
C SER A 271 23.66 -13.13 2.44
N GLU A 272 23.08 -12.59 1.35
CA GLU A 272 23.68 -11.40 0.68
C GLU A 272 23.85 -10.24 1.65
N SER A 273 25.07 -9.71 1.76
CA SER A 273 25.33 -8.70 2.72
C SER A 273 25.46 -7.32 2.07
N ASN A 274 25.48 -7.22 0.73
CA ASN A 274 25.63 -5.89 0.12
C ASN A 274 24.31 -5.33 -0.43
N VAL A 275 24.30 -4.00 -0.61
CA VAL A 275 23.22 -3.28 -1.33
C VAL A 275 23.89 -2.29 -2.21
N THR A 276 23.19 -1.83 -3.25
CA THR A 276 23.71 -0.76 -4.16
C THR A 276 22.72 0.44 -4.18
N ILE A 277 23.18 1.64 -3.85
CA ILE A 277 22.33 2.85 -3.88
C ILE A 277 22.40 3.54 -5.21
N LEU A 278 21.26 3.58 -5.94
CA LEU A 278 21.20 4.13 -7.30
C LEU A 278 20.80 5.60 -7.30
N GLY A 279 20.38 6.07 -6.15
CA GLY A 279 19.92 7.50 -6.12
C GLY A 279 19.15 7.76 -4.89
N ARG A 280 18.96 9.02 -4.58
CA ARG A 280 18.10 9.36 -3.46
C ARG A 280 17.40 10.68 -3.75
N PHE A 281 16.08 10.74 -3.53
CA PHE A 281 15.27 11.92 -3.80
C PHE A 281 14.96 12.58 -2.45
N ASP A 282 15.64 13.71 -2.16
CA ASP A 282 15.44 14.37 -0.89
C ASP A 282 14.25 15.37 -1.01
N TYR A 283 13.65 15.67 0.12
CA TYR A 283 12.55 16.64 0.20
C TYR A 283 12.54 17.16 1.66
N SER A 284 11.54 17.97 2.08
CA SER A 284 11.62 18.60 3.41
C SER A 284 10.40 18.31 4.24
N GLN A 285 10.55 18.42 5.56
CA GLN A 285 9.43 18.42 6.51
C GLN A 285 8.56 17.17 6.42
N CYS A 286 9.21 16.03 6.47
CA CYS A 286 8.48 14.76 6.55
C CYS A 286 9.18 13.82 7.52
N ASP A 287 9.21 14.25 8.79
CA ASP A 287 9.94 13.72 9.95
C ASP A 287 9.06 12.74 10.72
N ILE A 288 7.76 12.73 10.42
CA ILE A 288 6.77 11.89 11.16
C ILE A 288 6.60 10.58 10.39
N TRP A 289 6.32 9.47 11.06
CA TRP A 289 6.15 8.22 10.28
C TRP A 289 4.68 7.92 9.86
N TYR A 290 4.52 7.05 8.87
CA TYR A 290 3.26 6.64 8.24
C TYR A 290 2.85 7.69 7.20
N MET A 291 3.77 7.91 6.23
CA MET A 291 3.56 8.93 5.22
C MET A 291 3.92 8.22 3.96
N ARG A 292 2.95 7.93 3.07
CA ARG A 292 3.21 7.01 1.95
C ARG A 292 3.22 7.69 0.62
N PHE A 293 4.17 7.33 -0.21
CA PHE A 293 4.12 7.82 -1.59
C PHE A 293 3.30 6.86 -2.49
N SER A 294 2.87 7.36 -3.66
CA SER A 294 2.14 6.45 -4.62
C SER A 294 2.74 6.69 -6.00
N MET A 295 2.55 5.77 -6.95
CA MET A 295 2.98 5.98 -8.34
C MET A 295 1.80 5.87 -9.23
N ASP A 296 1.92 6.41 -10.43
CA ASP A 296 0.87 6.20 -11.44
C ASP A 296 0.86 4.70 -11.92
N PHE A 297 -0.19 4.39 -12.68
CA PHE A 297 -0.35 2.98 -13.16
C PHE A 297 0.96 2.55 -13.93
N TRP A 298 1.52 3.40 -14.79
CA TRP A 298 2.68 3.01 -15.61
C TRP A 298 4.01 3.08 -14.91
N GLN A 299 4.03 3.58 -13.67
CA GLN A 299 5.25 3.91 -12.95
C GLN A 299 6.15 4.95 -13.60
N LYS A 300 5.55 5.96 -14.27
CA LYS A 300 6.33 6.99 -14.84
C LYS A 300 6.57 8.08 -13.76
N MET A 301 5.72 8.13 -12.71
CA MET A 301 5.88 9.22 -11.73
C MET A 301 5.54 8.76 -10.33
N LEU A 302 5.96 9.57 -9.36
CA LEU A 302 5.83 9.21 -7.95
C LEU A 302 5.39 10.48 -7.24
N ALA A 303 4.42 10.38 -6.33
CA ALA A 303 4.02 11.54 -5.58
C ALA A 303 4.09 11.28 -4.10
N LEU A 304 4.51 12.32 -3.35
CA LEU A 304 4.59 12.17 -1.86
C LEU A 304 4.15 13.54 -1.28
N GLY A 305 3.29 13.48 -0.30
CA GLY A 305 3.01 14.72 0.45
C GLY A 305 3.85 14.78 1.73
N ASN A 306 4.07 16.00 2.21
CA ASN A 306 4.77 16.09 3.50
C ASN A 306 3.85 16.59 4.70
N GLN A 307 4.48 16.81 5.87
CA GLN A 307 3.71 17.04 7.10
C GLN A 307 3.14 18.45 7.19
N VAL A 308 3.47 19.29 6.22
CA VAL A 308 2.91 20.65 6.16
C VAL A 308 2.06 20.93 4.87
N GLY A 309 1.68 19.89 4.14
CA GLY A 309 0.73 19.98 3.03
C GLY A 309 1.31 20.35 1.68
N LYS A 310 2.64 20.22 1.55
CA LYS A 310 3.31 20.34 0.26
C LYS A 310 3.38 18.94 -0.48
N LEU A 311 3.13 18.94 -1.76
CA LEU A 311 3.23 17.71 -2.55
C LEU A 311 4.49 17.75 -3.36
N TYR A 312 5.15 16.58 -3.47
CA TYR A 312 6.30 16.50 -4.33
C TYR A 312 5.99 15.46 -5.40
N VAL A 313 6.29 15.77 -6.68
CA VAL A 313 6.05 14.80 -7.73
C VAL A 313 7.36 14.60 -8.53
N TRP A 314 7.80 13.34 -8.65
CA TRP A 314 9.03 13.09 -9.40
C TRP A 314 8.62 12.37 -10.71
N ASP A 315 9.23 12.82 -11.81
CA ASP A 315 9.16 12.26 -13.12
C ASP A 315 10.29 11.28 -13.24
N LEU A 316 9.93 10.01 -13.29
CA LEU A 316 10.90 8.90 -13.40
C LEU A 316 11.12 8.41 -14.81
N GLU A 317 10.56 9.16 -15.78
CA GLU A 317 10.73 8.87 -17.18
C GLU A 317 12.07 9.42 -17.74
N VAL A 318 13.14 8.91 -17.19
CA VAL A 318 14.49 9.34 -17.47
C VAL A 318 15.43 8.10 -17.44
N GLU A 319 16.68 8.21 -17.94
CA GLU A 319 17.47 7.00 -18.23
C GLU A 319 17.98 6.30 -16.99
N ASP A 320 18.10 7.04 -15.88
CA ASP A 320 18.61 6.43 -14.65
C ASP A 320 17.88 7.01 -13.49
N PRO A 321 17.77 6.25 -12.40
CA PRO A 321 16.90 6.75 -11.33
C PRO A 321 17.30 8.11 -10.74
N HIS A 322 18.62 8.36 -10.64
CA HIS A 322 19.10 9.63 -9.98
C HIS A 322 18.83 10.85 -10.85
N LYS A 323 18.37 10.63 -12.10
CA LYS A 323 18.02 11.77 -12.94
C LYS A 323 16.59 12.22 -12.87
N ALA A 324 15.86 11.67 -11.92
CA ALA A 324 14.41 12.01 -11.73
C ALA A 324 14.24 13.53 -11.59
N LYS A 325 13.16 14.04 -12.20
CA LYS A 325 12.90 15.49 -12.25
C LYS A 325 11.72 15.75 -11.31
N CYS A 326 11.93 16.67 -10.36
CA CYS A 326 10.96 16.94 -9.31
C CYS A 326 10.16 18.22 -9.58
N THR A 327 8.87 18.22 -9.33
CA THR A 327 8.10 19.50 -9.27
C THR A 327 7.32 19.46 -8.00
N THR A 328 6.90 20.62 -7.50
CA THR A 328 6.17 20.63 -6.25
C THR A 328 4.87 21.34 -6.44
N LEU A 329 3.90 20.99 -5.64
CA LEU A 329 2.51 21.51 -5.80
C LEU A 329 2.10 21.98 -4.39
N THR A 330 1.70 23.25 -4.30
CA THR A 330 1.36 23.88 -3.04
C THR A 330 0.09 24.66 -3.23
N HIS A 331 -0.67 24.74 -2.17
CA HIS A 331 -1.85 25.62 -2.13
C HIS A 331 -1.87 26.30 -0.78
N HIS A 332 -2.17 27.61 -0.77
CA HIS A 332 -2.09 28.34 0.48
C HIS A 332 -3.01 27.85 1.61
N LYS A 333 -4.11 27.15 1.27
CA LYS A 333 -5.05 26.63 2.28
C LYS A 333 -4.75 25.16 2.66
N CYS A 334 -3.73 24.52 2.03
CA CYS A 334 -3.48 23.11 2.32
C CYS A 334 -2.25 23.09 3.23
N GLY A 335 -2.45 22.98 4.53
CA GLY A 335 -1.29 22.99 5.39
C GLY A 335 -1.25 21.90 6.37
N ALA A 336 -2.13 20.87 6.24
CA ALA A 336 -2.09 19.76 7.21
C ALA A 336 -1.25 18.64 6.62
N ALA A 337 -0.81 17.70 7.45
CA ALA A 337 0.05 16.61 6.90
C ALA A 337 -0.71 15.80 5.88
N ILE A 338 -0.07 15.48 4.75
CA ILE A 338 -0.67 14.64 3.70
C ILE A 338 -0.21 13.22 3.97
N ARG A 339 -1.14 12.25 4.14
CA ARG A 339 -0.73 10.90 4.58
C ARG A 339 -0.54 9.95 3.38
N GLN A 340 -1.26 10.22 2.27
CA GLN A 340 -1.15 9.37 1.13
C GLN A 340 -1.70 10.15 -0.09
N THR A 341 -1.18 9.82 -1.29
CA THR A 341 -1.71 10.33 -2.54
C THR A 341 -2.24 9.14 -3.39
N SER A 342 -3.00 9.42 -4.45
CA SER A 342 -3.37 8.35 -5.35
C SER A 342 -3.57 9.08 -6.71
N PHE A 343 -3.09 8.45 -7.77
CA PHE A 343 -3.38 8.85 -9.16
C PHE A 343 -4.51 8.05 -9.71
N SER A 344 -5.36 8.68 -10.55
CA SER A 344 -6.37 7.98 -11.36
C SER A 344 -5.58 7.09 -12.36
N ARG A 345 -6.26 6.12 -12.95
CA ARG A 345 -5.58 5.17 -13.81
C ARG A 345 -5.06 5.78 -15.10
N ASP A 346 -5.79 6.79 -15.58
CA ASP A 346 -5.41 7.53 -16.74
C ASP A 346 -4.41 8.64 -16.47
N SER A 347 -3.97 8.77 -15.19
CA SER A 347 -3.04 9.76 -14.73
C SER A 347 -3.57 11.24 -14.78
N SER A 348 -4.86 11.46 -14.98
CA SER A 348 -5.29 12.86 -15.16
C SER A 348 -5.62 13.50 -13.85
N ILE A 349 -5.71 12.70 -12.76
CA ILE A 349 -6.09 13.37 -11.46
C ILE A 349 -5.19 12.79 -10.40
N LEU A 350 -4.73 13.64 -9.52
CA LEU A 350 -4.00 13.21 -8.28
C LEU A 350 -4.78 13.65 -7.08
N ILE A 351 -5.07 12.76 -6.11
CA ILE A 351 -5.80 13.17 -4.91
C ILE A 351 -4.80 13.02 -3.71
N ALA A 352 -4.77 14.02 -2.81
CA ALA A 352 -4.00 13.95 -1.58
C ALA A 352 -4.95 13.96 -0.38
N VAL A 353 -4.67 13.18 0.66
CA VAL A 353 -5.60 13.20 1.83
C VAL A 353 -4.76 13.50 3.07
N CYS A 354 -5.39 14.18 4.05
CA CYS A 354 -4.70 14.84 5.19
C CYS A 354 -5.18 14.50 6.57
N ASP A 355 -4.32 14.88 7.52
CA ASP A 355 -4.59 14.68 8.93
C ASP A 355 -5.77 15.46 9.47
N ASP A 356 -6.15 16.54 8.83
CA ASP A 356 -7.35 17.29 9.31
C ASP A 356 -8.62 16.82 8.56
N ALA A 357 -8.58 15.64 7.92
CA ALA A 357 -9.71 15.05 7.20
C ALA A 357 -10.05 15.73 5.87
N SER A 358 -9.14 16.56 5.35
CA SER A 358 -9.36 17.21 4.07
C SER A 358 -8.82 16.38 2.92
N ILE A 359 -9.37 16.64 1.73
CA ILE A 359 -9.05 15.93 0.50
C ILE A 359 -8.81 17.01 -0.52
N TRP A 360 -7.78 16.82 -1.36
CA TRP A 360 -7.35 17.85 -2.31
C TRP A 360 -7.25 17.22 -3.65
N ARG A 361 -7.83 17.88 -4.67
CA ARG A 361 -7.87 17.32 -6.00
C ARG A 361 -7.03 18.14 -6.93
N TRP A 362 -6.08 17.46 -7.61
CA TRP A 362 -5.18 18.21 -8.55
C TRP A 362 -5.40 17.55 -9.92
N ASP A 363 -5.66 18.36 -10.95
CA ASP A 363 -5.94 17.87 -12.27
C ASP A 363 -4.84 18.22 -13.18
N ARG A 364 -4.47 17.26 -14.04
CA ARG A 364 -3.29 17.43 -14.91
C ARG A 364 -3.63 18.42 -15.97
N THR B 3 12.94 8.93 19.37
CA THR B 3 12.12 7.82 18.74
C THR B 3 10.90 8.44 17.93
N ALA B 4 10.75 8.05 16.64
CA ALA B 4 9.93 8.80 15.68
C ALA B 4 8.45 8.88 16.08
N ARG B 5 7.82 10.04 15.86
CA ARG B 5 6.38 10.17 16.18
C ARG B 5 5.53 10.01 14.92
N SER B 7 2.64 11.43 14.56
CA SER B 7 1.96 12.71 14.36
C SER B 7 2.75 13.95 14.85
N THR B 8 2.50 15.12 14.25
CA THR B 8 3.05 16.39 14.76
C THR B 8 2.43 16.76 16.13
N GLY B 9 1.19 16.30 16.36
CA GLY B 9 0.49 16.55 17.62
C GLY B 9 -0.35 17.84 17.54
#